data_8Q11
#
_entry.id   8Q11
#
_cell.length_a   44.803
_cell.length_b   72.529
_cell.length_c   52.270
_cell.angle_alpha   90.000
_cell.angle_beta   108.800
_cell.angle_gamma   90.000
#
_symmetry.space_group_name_H-M   'P 1 21 1'
#
loop_
_entity.id
_entity.type
_entity.pdbx_description
1 polymer Endothiapepsin
2 non-polymer (3~{R},5~{R})-5-[3-(4-fluorophenyl)-1,2,4-oxadiazol-5-yl]-3-[2-[[methyl(prop-2-ynyl)amino]methyl]-1,3-thiazol-4-yl]pyrrolidin-3-ol
3 non-polymer 'DIMETHYL SULFOXIDE'
4 non-polymer 'ACETATE ION'
5 non-polymer DI(HYDROXYETHYL)ETHER
6 water water
#
_entity_poly.entity_id   1
_entity_poly.type   'polypeptide(L)'
_entity_poly.pdbx_seq_one_letter_code
;STGSATTTPIDSLDDAYITPVQIGTPAQTLNLDFDTGSSDLWVFSSETTASEVDGQTIYTPSKSTTAKLLSGATWSISYG
DGSSSSGDVYTDTVSVGGLTVTGQAVESAKKVSSSFTEDSTIDGLLGLAFSTLNTVSPTQQKTFFDNAKASLDSPVFTAD
LGYHAPGTYNFGFIDTTAYTGSITYTAVSTKQGFWEWTSTGYAVGSGTFKSTSIDGIADTGTTLLYLPATVVSAYWAQVS
GAKSSSSVGGYVFPCSATLPSFTFGVGSARIVIPGDYIDFGPISTGSSSCFGGIQSSAGIGINIFGDVALKAAFVVFNGA
TTPTLGFASK
;
_entity_poly.pdbx_strand_id   A
#
loop_
_chem_comp.id
_chem_comp.type
_chem_comp.name
_chem_comp.formula
ACT non-polymer 'ACETATE ION' 'C2 H3 O2 -1'
DMS non-polymer 'DIMETHYL SULFOXIDE' 'C2 H6 O S'
IIZ non-polymer (3~{R},5~{R})-5-[3-(4-fluorophenyl)-1,2,4-oxadiazol-5-yl]-3-[2-[[methyl(prop-2-ynyl)amino]methyl]-1,3-thiazol-4-yl]pyrrolidin-3-ol 'C20 H20 F N5 O2 S'
PEG non-polymer DI(HYDROXYETHYL)ETHER 'C4 H10 O3'
#
# COMPACT_ATOMS: atom_id res chain seq x y z
N SER A 1 5.42 23.28 2.47
N SER A 1 5.43 23.28 2.41
CA SER A 1 6.15 22.28 3.22
CA SER A 1 6.19 22.31 3.19
C SER A 1 6.32 20.99 2.43
C SER A 1 6.32 20.99 2.43
N THR A 2 7.23 20.15 2.88
CA THR A 2 7.42 18.81 2.31
C THR A 2 7.78 17.86 3.44
N GLY A 3 7.73 16.57 3.13
CA GLY A 3 8.26 15.55 4.00
C GLY A 3 8.87 14.43 3.18
N SER A 4 9.78 13.71 3.80
CA SER A 4 10.43 12.59 3.13
C SER A 4 10.80 11.55 4.16
N ALA A 5 10.32 10.32 3.99
CA ALA A 5 10.58 9.26 4.95
C ALA A 5 10.94 7.99 4.21
N THR A 6 11.83 7.21 4.81
CA THR A 6 12.23 5.94 4.24
C THR A 6 11.24 4.86 4.67
N THR A 7 10.88 4.01 3.73
CA THR A 7 10.00 2.87 3.98
C THR A 7 10.80 1.58 3.77
N THR A 8 10.60 0.60 4.65
CA THR A 8 11.46 -0.59 4.71
C THR A 8 10.62 -1.86 4.68
N PRO A 9 10.98 -2.86 3.88
CA PRO A 9 10.24 -4.13 3.89
C PRO A 9 10.30 -4.76 5.28
N ILE A 10 9.18 -5.36 5.70
CA ILE A 10 9.11 -5.97 7.01
C ILE A 10 9.80 -7.32 7.06
N ASP A 11 10.05 -7.94 5.91
CA ASP A 11 10.61 -9.28 5.88
C ASP A 11 11.28 -9.50 4.54
N SER A 12 11.82 -10.71 4.35
CA SER A 12 12.59 -11.05 3.17
C SER A 12 11.73 -11.20 1.91
N LEU A 13 10.40 -11.16 2.05
CA LEU A 13 9.51 -11.32 0.92
C LEU A 13 8.89 -10.02 0.45
N ASP A 14 9.18 -8.90 1.11
CA ASP A 14 8.46 -7.65 0.86
C ASP A 14 6.97 -7.81 1.12
N ASP A 15 6.60 -8.52 2.19
CA ASP A 15 5.18 -8.71 2.48
C ASP A 15 4.46 -7.40 2.75
N ALA A 16 5.17 -6.42 3.30
CA ALA A 16 4.62 -5.09 3.55
C ALA A 16 5.82 -4.20 3.83
N TYR A 17 5.57 -2.90 3.88
CA TYR A 17 6.60 -1.91 4.13
C TYR A 17 6.18 -1.05 5.31
N ILE A 18 7.14 -0.71 6.17
CA ILE A 18 6.88 0.13 7.33
C ILE A 18 7.68 1.41 7.24
N THR A 19 7.09 2.49 7.74
CA THR A 19 7.64 3.82 7.65
C THR A 19 7.52 4.44 9.05
N PRO A 20 8.59 5.01 9.61
CA PRO A 20 8.48 5.60 10.95
C PRO A 20 7.66 6.87 10.93
N VAL A 21 6.79 6.99 11.91
CA VAL A 21 5.88 8.13 12.05
C VAL A 21 5.95 8.62 13.49
N GLN A 22 6.11 9.93 13.66
CA GLN A 22 6.14 10.52 14.99
C GLN A 22 4.75 10.97 15.40
N ILE A 23 4.31 10.53 16.56
CA ILE A 23 2.99 10.88 17.08
C ILE A 23 3.15 11.44 18.49
N GLY A 24 2.55 12.62 18.72
CA GLY A 24 2.47 13.16 20.06
C GLY A 24 3.67 13.96 20.48
N THR A 25 3.61 14.44 21.73
CA THR A 25 4.63 15.32 22.31
C THR A 25 4.91 14.88 23.74
N PRO A 26 6.14 14.45 24.06
CA PRO A 26 7.27 14.21 23.15
C PRO A 26 6.94 13.14 22.13
N ALA A 27 7.69 13.10 21.03
CA ALA A 27 7.37 12.18 19.96
C ALA A 27 7.36 10.72 20.44
N GLN A 28 6.36 9.98 19.98
CA GLN A 28 6.32 8.54 20.05
C GLN A 28 6.44 8.02 18.62
N THR A 29 7.51 7.30 18.33
CA THR A 29 7.74 6.85 16.96
C THR A 29 7.18 5.45 16.79
N LEU A 30 6.22 5.30 15.88
CA LEU A 30 5.64 4.02 15.54
C LEU A 30 5.91 3.74 14.07
N ASN A 31 6.09 2.47 13.74
CA ASN A 31 6.35 2.06 12.36
C ASN A 31 5.03 1.64 11.72
N LEU A 32 4.54 2.46 10.80
CA LEU A 32 3.21 2.26 10.23
C LEU A 32 3.31 1.77 8.79
N ASP A 33 2.29 1.02 8.40
CA ASP A 33 2.15 0.52 7.04
C ASP A 33 1.34 1.56 6.26
N PHE A 34 2.02 2.28 5.36
CA PHE A 34 1.33 3.29 4.55
C PHE A 34 0.49 2.59 3.49
N ASP A 35 -0.80 2.84 3.51
CA ASP A 35 -1.76 2.05 2.73
C ASP A 35 -2.58 2.98 1.84
N THR A 36 -2.22 3.07 0.56
CA THR A 36 -3.02 3.89 -0.35
C THR A 36 -4.35 3.26 -0.69
N GLY A 37 -4.66 2.08 -0.14
CA GLY A 37 -5.95 1.45 -0.30
C GLY A 37 -6.92 1.61 0.84
N SER A 38 -6.59 2.41 1.86
CA SER A 38 -7.52 2.68 2.95
C SER A 38 -7.25 4.10 3.46
N SER A 39 -8.08 4.54 4.41
CA SER A 39 -8.09 5.95 4.77
C SER A 39 -8.16 6.17 6.27
N ASP A 40 -7.74 5.19 7.07
CA ASP A 40 -7.66 5.33 8.51
C ASP A 40 -6.21 5.29 8.94
N LEU A 41 -5.84 6.19 9.84
CA LEU A 41 -4.55 6.13 10.53
C LEU A 41 -4.86 5.54 11.89
N TRP A 42 -4.50 4.27 12.09
CA TRP A 42 -4.75 3.61 13.35
C TRP A 42 -3.49 2.99 13.89
N VAL A 43 -3.42 2.87 15.22
CA VAL A 43 -2.20 2.43 15.89
C VAL A 43 -2.54 1.47 17.01
N PHE A 44 -1.65 0.50 17.21
CA PHE A 44 -1.56 -0.18 18.50
C PHE A 44 -1.36 0.85 19.59
N SER A 45 -2.00 0.64 20.74
CA SER A 45 -1.99 1.69 21.74
C SER A 45 -2.04 1.07 23.13
N SER A 46 -1.95 1.95 24.12
CA SER A 46 -2.16 1.55 25.51
C SER A 46 -3.58 1.05 25.76
N GLU A 47 -4.50 1.22 24.80
CA GLU A 47 -5.86 0.74 24.95
C GLU A 47 -6.09 -0.61 24.27
N THR A 48 -5.13 -1.10 23.50
CA THR A 48 -5.31 -2.35 22.77
C THR A 48 -5.33 -3.51 23.75
N THR A 49 -6.35 -4.37 23.63
CA THR A 49 -6.47 -5.58 24.43
C THR A 49 -5.12 -6.28 24.54
N ALA A 50 -4.67 -6.50 25.78
CA ALA A 50 -3.29 -6.91 26.02
C ALA A 50 -2.95 -8.22 25.31
N SER A 51 -3.90 -9.17 25.30
CA SER A 51 -3.66 -10.46 24.66
C SER A 51 -3.53 -10.36 23.15
N GLU A 52 -3.85 -9.20 22.57
CA GLU A 52 -3.74 -8.98 21.14
C GLU A 52 -2.51 -8.17 20.75
N VAL A 53 -1.65 -7.84 21.71
CA VAL A 53 -0.40 -7.14 21.44
C VAL A 53 0.73 -8.14 21.64
N ASP A 54 1.61 -8.26 20.62
CA ASP A 54 2.75 -9.19 20.65
C ASP A 54 3.97 -8.54 19.99
N GLY A 55 4.59 -7.61 20.71
CA GLY A 55 5.84 -7.02 20.29
C GLY A 55 5.73 -5.67 19.62
N GLN A 56 4.52 -5.23 19.28
CA GLN A 56 4.36 -3.93 18.64
C GLN A 56 4.73 -2.81 19.61
N THR A 57 5.20 -1.70 19.04
CA THR A 57 5.31 -0.46 19.79
C THR A 57 3.94 0.19 19.87
N ILE A 58 3.58 0.68 21.05
CA ILE A 58 2.24 1.22 21.27
C ILE A 58 2.31 2.72 21.44
N TYR A 59 1.22 3.37 21.02
CA TYR A 59 0.99 4.79 21.28
C TYR A 59 0.26 4.92 22.60
N THR A 60 0.77 5.77 23.48
CA THR A 60 0.14 6.00 24.78
C THR A 60 -0.32 7.45 24.82
N PRO A 61 -1.58 7.74 24.53
CA PRO A 61 -2.01 9.14 24.48
C PRO A 61 -1.86 9.87 25.81
N SER A 62 -1.97 9.17 26.93
CA SER A 62 -1.82 9.80 28.24
C SER A 62 -0.42 10.34 28.48
N LYS A 63 0.56 9.95 27.67
CA LYS A 63 1.91 10.48 27.78
C LYS A 63 2.21 11.59 26.78
N SER A 64 1.21 12.01 26.00
CA SER A 64 1.38 13.06 24.99
C SER A 64 0.67 14.32 25.46
N THR A 65 1.42 15.43 25.56
CA THR A 65 0.82 16.67 26.01
C THR A 65 -0.12 17.27 24.97
N THR A 66 -0.07 16.81 23.72
CA THR A 66 -0.87 17.34 22.64
C THR A 66 -2.04 16.44 22.27
N ALA A 67 -2.16 15.28 22.92
CA ALA A 67 -3.25 14.37 22.64
C ALA A 67 -4.55 14.88 23.24
N LYS A 68 -5.65 14.72 22.50
CA LYS A 68 -6.98 15.05 22.99
C LYS A 68 -7.93 13.95 22.52
N LEU A 69 -8.75 13.45 23.44
CA LEU A 69 -9.77 12.49 23.03
C LEU A 69 -10.73 13.16 22.06
N LEU A 70 -11.01 12.49 20.94
CA LEU A 70 -12.05 12.95 20.02
C LEU A 70 -13.33 12.32 20.57
N SER A 71 -14.01 13.06 21.44
N SER A 71 -14.01 13.07 21.44
CA SER A 71 -15.04 12.49 22.30
CA SER A 71 -15.04 12.49 22.29
C SER A 71 -16.17 11.89 21.49
C SER A 71 -16.16 11.88 21.46
N GLY A 72 -16.48 10.62 21.76
CA GLY A 72 -17.58 9.92 21.13
C GLY A 72 -17.25 9.28 19.81
N ALA A 73 -16.08 9.54 19.25
CA ALA A 73 -15.74 8.99 17.94
C ALA A 73 -15.23 7.56 18.10
N THR A 74 -15.71 6.68 17.23
CA THR A 74 -15.24 5.31 17.17
C THR A 74 -14.92 4.98 15.72
N TRP A 75 -14.21 3.88 15.54
CA TRP A 75 -13.82 3.44 14.21
C TRP A 75 -13.82 1.92 14.18
N SER A 76 -14.04 1.38 12.98
CA SER A 76 -14.05 -0.06 12.80
C SER A 76 -13.81 -0.32 11.33
N ILE A 77 -12.80 -1.13 11.01
CA ILE A 77 -12.40 -1.33 9.64
C ILE A 77 -12.08 -2.80 9.40
N SER A 78 -12.34 -3.26 8.19
N SER A 78 -12.38 -3.26 8.20
CA SER A 78 -11.94 -4.58 7.74
CA SER A 78 -11.94 -4.56 7.72
C SER A 78 -11.22 -4.46 6.41
C SER A 78 -11.09 -4.34 6.47
N TYR A 79 -10.19 -5.27 6.23
CA TYR A 79 -9.34 -5.20 5.05
C TYR A 79 -9.64 -6.37 4.12
N GLY A 80 -9.13 -6.26 2.89
CA GLY A 80 -9.46 -7.23 1.86
C GLY A 80 -9.09 -8.65 2.20
N ASP A 81 -8.12 -8.86 3.07
CA ASP A 81 -7.72 -10.20 3.48
C ASP A 81 -8.59 -10.75 4.61
N GLY A 82 -9.55 -9.97 5.10
CA GLY A 82 -10.37 -10.40 6.20
C GLY A 82 -9.90 -9.94 7.56
N SER A 83 -8.76 -9.25 7.63
N SER A 83 -8.76 -9.24 7.63
CA SER A 83 -8.29 -8.71 8.90
CA SER A 83 -8.29 -8.70 8.89
C SER A 83 -9.15 -7.51 9.30
C SER A 83 -9.12 -7.48 9.28
N SER A 84 -9.02 -7.10 10.55
CA SER A 84 -9.86 -6.02 11.06
C SER A 84 -9.28 -5.43 12.34
N SER A 85 -9.76 -4.23 12.67
CA SER A 85 -9.40 -3.56 13.91
C SER A 85 -10.46 -2.50 14.19
N SER A 86 -10.50 -2.05 15.44
CA SER A 86 -11.51 -1.08 15.86
C SER A 86 -11.08 -0.41 17.15
N GLY A 87 -11.68 0.73 17.45
CA GLY A 87 -11.34 1.41 18.69
C GLY A 87 -11.94 2.80 18.77
N ASP A 88 -11.27 3.67 19.51
CA ASP A 88 -11.68 5.06 19.66
C ASP A 88 -10.62 5.98 19.04
N VAL A 89 -10.75 7.28 19.26
CA VAL A 89 -10.00 8.24 18.46
C VAL A 89 -9.46 9.35 19.34
N TYR A 90 -8.19 9.70 19.11
CA TYR A 90 -7.57 10.89 19.66
C TYR A 90 -7.18 11.79 18.50
N THR A 91 -7.06 13.08 18.77
CA THR A 91 -6.31 13.93 17.87
C THR A 91 -4.94 14.21 18.49
N ASP A 92 -3.93 14.30 17.64
CA ASP A 92 -2.59 14.57 18.13
C ASP A 92 -1.76 15.07 16.96
N THR A 93 -0.55 15.51 17.28
CA THR A 93 0.39 15.97 16.26
C THR A 93 1.08 14.76 15.66
N VAL A 94 1.06 14.67 14.34
CA VAL A 94 1.65 13.55 13.61
C VAL A 94 2.63 14.11 12.60
N SER A 95 3.84 13.56 12.58
CA SER A 95 4.88 14.00 11.66
C SER A 95 5.41 12.81 10.88
N VAL A 96 5.57 13.01 9.58
CA VAL A 96 6.14 12.00 8.69
C VAL A 96 7.30 12.67 7.99
N GLY A 97 8.51 12.20 8.26
CA GLY A 97 9.64 12.68 7.50
C GLY A 97 9.81 14.18 7.55
N GLY A 98 9.49 14.81 8.68
CA GLY A 98 9.63 16.24 8.82
C GLY A 98 8.39 17.05 8.48
N LEU A 99 7.33 16.44 7.98
CA LEU A 99 6.09 17.12 7.64
C LEU A 99 5.11 16.90 8.78
N THR A 100 4.60 17.97 9.36
CA THR A 100 3.80 17.90 10.57
C THR A 100 2.36 18.31 10.31
N VAL A 101 1.42 17.50 10.80
CA VAL A 101 0.00 17.85 10.85
C VAL A 101 -0.40 17.92 12.31
N THR A 102 -0.96 19.06 12.72
CA THR A 102 -1.52 19.14 14.05
C THR A 102 -3.00 18.79 13.98
N GLY A 103 -3.51 18.16 15.03
CA GLY A 103 -4.90 17.79 15.06
C GLY A 103 -5.27 16.61 14.18
N GLN A 104 -4.31 15.77 13.81
CA GLN A 104 -4.60 14.59 13.02
C GLN A 104 -5.38 13.58 13.86
N ALA A 105 -6.40 12.97 13.26
CA ALA A 105 -7.09 11.87 13.93
C ALA A 105 -6.17 10.66 13.98
N VAL A 106 -5.86 10.21 15.19
CA VAL A 106 -5.07 9.02 15.45
C VAL A 106 -6.03 8.01 16.08
N GLU A 107 -6.33 6.96 15.34
CA GLU A 107 -7.35 6.00 15.75
C GLU A 107 -6.68 4.94 16.62
N SER A 108 -7.06 4.88 17.88
CA SER A 108 -6.43 3.99 18.85
C SER A 108 -7.15 2.65 18.84
N ALA A 109 -6.41 1.57 18.60
CA ALA A 109 -7.04 0.26 18.55
C ALA A 109 -7.39 -0.23 19.94
N LYS A 110 -8.63 -0.64 20.12
CA LYS A 110 -8.99 -1.44 21.28
C LYS A 110 -8.91 -2.92 20.97
N LYS A 111 -9.16 -3.29 19.71
CA LYS A 111 -9.15 -4.67 19.27
C LYS A 111 -8.47 -4.74 17.91
N VAL A 112 -7.68 -5.78 17.70
CA VAL A 112 -7.09 -6.07 16.39
C VAL A 112 -7.24 -7.57 16.13
N SER A 113 -7.34 -7.92 14.85
CA SER A 113 -7.46 -9.33 14.51
C SER A 113 -6.09 -10.01 14.50
N SER A 114 -6.09 -11.33 14.33
CA SER A 114 -4.90 -12.12 14.57
C SER A 114 -3.75 -11.76 13.64
N SER A 115 -4.04 -11.40 12.38
CA SER A 115 -2.95 -11.07 11.47
C SER A 115 -2.17 -9.85 11.93
N PHE A 116 -2.85 -8.90 12.58
CA PHE A 116 -2.14 -7.73 13.10
C PHE A 116 -1.31 -8.11 14.32
N THR A 117 -1.90 -8.89 15.24
CA THR A 117 -1.14 -9.34 16.40
C THR A 117 0.12 -10.08 15.97
N GLU A 118 0.01 -10.91 14.93
CA GLU A 118 1.14 -11.73 14.50
C GLU A 118 2.24 -10.92 13.82
N ASP A 119 1.90 -9.76 13.24
CA ASP A 119 2.89 -8.92 12.57
C ASP A 119 3.50 -8.00 13.62
N SER A 120 4.54 -8.48 14.31
CA SER A 120 5.16 -7.69 15.38
C SER A 120 5.81 -6.42 14.85
N THR A 121 6.11 -6.35 13.56
CA THR A 121 6.81 -5.22 12.97
C THR A 121 5.88 -4.08 12.54
N ILE A 122 4.57 -4.31 12.50
CA ILE A 122 3.62 -3.30 12.04
C ILE A 122 2.89 -2.74 13.25
N ASP A 123 3.14 -1.47 13.56
CA ASP A 123 2.55 -0.82 14.72
C ASP A 123 1.20 -0.15 14.39
N GLY A 124 0.76 -0.22 13.15
CA GLY A 124 -0.48 0.37 12.73
C GLY A 124 -0.42 0.68 11.26
N LEU A 125 -1.48 1.34 10.77
CA LEU A 125 -1.61 1.68 9.36
C LEU A 125 -1.78 3.20 9.24
N LEU A 126 -1.28 3.75 8.14
CA LEU A 126 -1.51 5.14 7.80
C LEU A 126 -2.18 5.15 6.42
N GLY A 127 -3.49 5.40 6.40
CA GLY A 127 -4.23 5.34 5.16
C GLY A 127 -4.00 6.57 4.29
N LEU A 128 -3.88 6.32 2.98
CA LEU A 128 -3.60 7.37 2.00
C LEU A 128 -4.54 7.32 0.82
N ALA A 129 -5.64 6.56 0.92
CA ALA A 129 -6.74 6.67 -0.04
C ALA A 129 -7.53 7.94 0.26
N PHE A 130 -8.67 8.11 -0.39
CA PHE A 130 -9.43 9.34 -0.21
C PHE A 130 -10.21 9.30 1.09
N SER A 131 -10.36 10.48 1.70
CA SER A 131 -10.93 10.55 3.05
C SER A 131 -12.37 10.08 3.10
N THR A 132 -13.06 10.00 1.95
CA THR A 132 -14.40 9.46 1.91
C THR A 132 -14.48 8.01 2.39
N LEU A 133 -13.36 7.29 2.43
CA LEU A 133 -13.34 5.92 2.95
C LEU A 133 -13.06 5.85 4.44
N ASN A 134 -12.76 6.96 5.10
CA ASN A 134 -12.42 6.90 6.51
C ASN A 134 -13.60 6.40 7.33
N THR A 135 -13.32 5.52 8.31
CA THR A 135 -14.40 4.84 9.02
C THR A 135 -14.81 5.51 10.33
N VAL A 136 -14.21 6.64 10.69
CA VAL A 136 -14.56 7.25 11.97
C VAL A 136 -16.01 7.72 11.95
N SER A 137 -16.74 7.40 13.01
CA SER A 137 -18.13 7.77 13.21
C SER A 137 -18.28 8.41 14.58
N PRO A 138 -19.15 9.41 14.72
CA PRO A 138 -20.09 9.93 13.72
C PRO A 138 -19.53 11.05 12.85
N THR A 139 -18.28 11.47 13.07
CA THR A 139 -17.68 12.57 12.33
C THR A 139 -16.50 11.99 11.56
N GLN A 140 -16.67 11.81 10.26
CA GLN A 140 -15.62 11.22 9.44
C GLN A 140 -14.39 12.11 9.46
N GLN A 141 -13.22 11.48 9.47
CA GLN A 141 -11.96 12.18 9.62
C GLN A 141 -11.14 12.14 8.33
N LYS A 142 -10.23 13.10 8.22
CA LYS A 142 -9.38 13.22 7.03
C LYS A 142 -8.07 12.46 7.22
N THR A 143 -7.54 11.97 6.10
CA THR A 143 -6.24 11.31 6.14
C THR A 143 -5.13 12.33 6.41
N PHE A 144 -3.97 11.79 6.77
CA PHE A 144 -2.79 12.61 6.96
C PHE A 144 -2.50 13.43 5.71
N PHE A 145 -2.59 12.82 4.53
CA PHE A 145 -2.33 13.56 3.30
C PHE A 145 -3.37 14.65 3.06
N ASP A 146 -4.65 14.35 3.28
CA ASP A 146 -5.69 15.35 3.11
C ASP A 146 -5.46 16.53 4.04
N ASN A 147 -5.12 16.26 5.30
CA ASN A 147 -4.85 17.34 6.25
C ASN A 147 -3.62 18.14 5.85
N ALA A 148 -2.59 17.49 5.32
CA ALA A 148 -1.35 18.17 4.97
C ALA A 148 -1.46 18.95 3.67
N LYS A 149 -2.44 18.63 2.84
CA LYS A 149 -2.43 18.99 1.42
C LYS A 149 -2.24 20.49 1.21
N ALA A 150 -3.01 21.30 1.93
CA ALA A 150 -2.99 22.74 1.68
C ALA A 150 -1.65 23.37 2.06
N SER A 151 -0.91 22.74 2.98
CA SER A 151 0.39 23.25 3.37
C SER A 151 1.51 22.77 2.47
N LEU A 152 1.28 21.72 1.69
CA LEU A 152 2.33 21.15 0.86
C LEU A 152 2.67 22.08 -0.30
N ASP A 153 3.94 22.02 -0.72
CA ASP A 153 4.36 22.81 -1.89
C ASP A 153 3.54 22.42 -3.10
N SER A 154 3.26 21.14 -3.27
N SER A 154 3.29 21.13 -3.29
CA SER A 154 2.44 20.60 -4.35
CA SER A 154 2.43 20.62 -4.34
C SER A 154 1.56 19.55 -3.71
C SER A 154 1.55 19.56 -3.69
N PRO A 155 0.29 19.44 -4.11
CA PRO A 155 -0.64 18.51 -3.45
C PRO A 155 -0.46 17.06 -3.89
N VAL A 156 0.72 16.50 -3.61
CA VAL A 156 1.12 15.20 -4.13
C VAL A 156 1.86 14.44 -3.04
N PHE A 157 1.84 13.12 -3.15
CA PHE A 157 2.84 12.29 -2.48
C PHE A 157 3.32 11.25 -3.48
N THR A 158 4.49 10.71 -3.23
CA THR A 158 5.07 9.72 -4.14
C THR A 158 5.50 8.49 -3.36
N ALA A 159 5.37 7.34 -4.02
CA ALA A 159 5.75 6.05 -3.46
C ALA A 159 6.86 5.49 -4.34
N ASP A 160 8.01 5.19 -3.75
CA ASP A 160 9.17 4.66 -4.44
C ASP A 160 9.59 3.44 -3.63
N LEU A 161 8.87 2.34 -3.82
CA LEU A 161 9.11 1.14 -3.02
C LEU A 161 10.27 0.34 -3.58
N GLY A 162 11.06 -0.24 -2.69
CA GLY A 162 12.18 -1.05 -3.13
C GLY A 162 11.86 -2.52 -3.23
N TYR A 163 12.65 -3.21 -4.05
CA TYR A 163 12.59 -4.67 -4.16
C TYR A 163 13.63 -5.23 -3.20
N HIS A 164 13.16 -5.85 -2.12
CA HIS A 164 14.04 -6.39 -1.08
C HIS A 164 15.02 -5.33 -0.59
N ALA A 165 14.54 -4.09 -0.51
CA ALA A 165 15.39 -2.96 -0.19
C ALA A 165 14.50 -1.82 0.27
N PRO A 166 15.04 -0.87 1.02
CA PRO A 166 14.24 0.29 1.42
C PRO A 166 13.91 1.19 0.24
N GLY A 167 12.92 2.03 0.45
CA GLY A 167 12.48 3.00 -0.53
C GLY A 167 12.03 4.26 0.18
N THR A 168 11.21 5.06 -0.48
CA THR A 168 10.92 6.40 0.02
C THR A 168 9.48 6.77 -0.25
N TYR A 169 8.85 7.41 0.75
CA TYR A 169 7.61 8.17 0.57
C TYR A 169 7.94 9.64 0.71
N ASN A 170 7.63 10.42 -0.33
CA ASN A 170 7.79 11.87 -0.27
C ASN A 170 6.43 12.53 -0.31
N PHE A 171 6.31 13.65 0.39
CA PHE A 171 5.09 14.44 0.42
C PHE A 171 5.41 15.85 -0.04
N GLY A 172 4.65 16.33 -1.02
CA GLY A 172 4.71 17.72 -1.42
C GLY A 172 5.67 18.06 -2.54
N PHE A 173 6.42 17.08 -3.05
CA PHE A 173 7.36 17.37 -4.12
C PHE A 173 7.66 16.08 -4.87
N ILE A 174 8.12 16.24 -6.09
CA ILE A 174 8.52 15.14 -6.96
C ILE A 174 10.04 15.17 -7.07
N ASP A 175 10.69 14.10 -6.61
CA ASP A 175 12.14 13.98 -6.67
C ASP A 175 12.52 13.55 -8.09
N THR A 176 12.98 14.51 -8.89
CA THR A 176 13.29 14.22 -10.28
C THR A 176 14.53 13.35 -10.44
N THR A 177 15.28 13.09 -9.37
CA THR A 177 16.41 12.18 -9.46
C THR A 177 16.02 10.73 -9.20
N ALA A 178 14.77 10.48 -8.82
CA ALA A 178 14.37 9.16 -8.35
C ALA A 178 13.84 8.25 -9.46
N TYR A 179 13.77 8.72 -10.70
CA TYR A 179 13.21 7.92 -11.77
C TYR A 179 13.95 8.22 -13.05
N THR A 180 13.77 7.33 -14.03
CA THR A 180 14.32 7.50 -15.36
C THR A 180 13.20 7.88 -16.32
N GLY A 181 13.57 8.54 -17.42
CA GLY A 181 12.58 8.92 -18.41
C GLY A 181 11.56 9.89 -17.85
N SER A 182 10.35 9.81 -18.37
N SER A 182 10.35 9.81 -18.37
CA SER A 182 9.27 10.72 -17.99
CA SER A 182 9.26 10.70 -18.00
C SER A 182 8.22 9.99 -17.16
C SER A 182 8.25 9.97 -17.12
N ILE A 183 7.48 10.77 -16.38
CA ILE A 183 6.35 10.25 -15.62
C ILE A 183 5.13 10.35 -16.52
N THR A 184 4.44 9.23 -16.72
CA THR A 184 3.19 9.23 -17.48
C THR A 184 2.03 9.31 -16.50
N TYR A 185 1.22 10.35 -16.65
CA TYR A 185 0.07 10.57 -15.78
C TYR A 185 -1.19 10.02 -16.42
N THR A 186 -2.07 9.49 -15.58
CA THR A 186 -3.29 8.85 -16.04
C THR A 186 -4.43 9.22 -15.09
N ALA A 187 -5.63 9.30 -15.63
CA ALA A 187 -6.76 9.83 -14.87
C ALA A 187 -7.17 8.89 -13.74
N VAL A 188 -7.63 9.49 -12.66
CA VAL A 188 -8.07 8.76 -11.48
C VAL A 188 -9.57 8.98 -11.28
N SER A 189 -10.27 7.89 -10.96
CA SER A 189 -11.64 7.97 -10.48
C SER A 189 -11.65 7.84 -8.97
N THR A 190 -12.29 8.78 -8.29
CA THR A 190 -12.45 8.71 -6.84
C THR A 190 -13.79 8.16 -6.42
N LYS A 191 -14.56 7.61 -7.38
CA LYS A 191 -15.94 7.22 -7.09
C LYS A 191 -16.04 6.15 -6.01
N GLN A 192 -15.04 5.28 -5.90
CA GLN A 192 -15.02 4.25 -4.87
C GLN A 192 -14.10 4.60 -3.70
N GLY A 193 -13.50 5.80 -3.71
CA GLY A 193 -12.61 6.24 -2.66
C GLY A 193 -11.18 5.80 -2.84
N PHE A 194 -10.84 5.11 -3.92
CA PHE A 194 -9.50 4.60 -4.15
C PHE A 194 -8.77 5.42 -5.20
N TRP A 195 -7.47 5.18 -5.29
CA TRP A 195 -6.67 5.66 -6.41
C TRP A 195 -6.90 4.70 -7.58
N GLU A 196 -8.06 4.87 -8.23
CA GLU A 196 -8.55 3.94 -9.24
C GLU A 196 -8.26 4.51 -10.63
N TRP A 197 -7.70 3.67 -11.50
CA TRP A 197 -7.22 4.11 -12.80
C TRP A 197 -7.43 2.95 -13.77
N THR A 198 -7.11 3.18 -15.04
CA THR A 198 -7.28 2.16 -16.07
C THR A 198 -5.97 1.92 -16.79
N SER A 199 -5.37 0.75 -16.55
CA SER A 199 -4.20 0.36 -17.32
C SER A 199 -4.60 0.05 -18.76
N THR A 200 -3.68 0.29 -19.68
CA THR A 200 -3.95 0.13 -21.11
C THR A 200 -3.60 -1.26 -21.65
N GLY A 201 -3.06 -2.15 -20.84
CA GLY A 201 -2.87 -3.52 -21.30
C GLY A 201 -1.66 -4.14 -20.65
N TYR A 202 -1.19 -5.24 -21.24
CA TYR A 202 -0.12 -5.98 -20.61
C TYR A 202 0.67 -6.79 -21.64
N ALA A 203 1.86 -7.21 -21.22
CA ALA A 203 2.67 -8.16 -21.96
C ALA A 203 3.31 -9.13 -20.98
N VAL A 204 3.56 -10.35 -21.44
CA VAL A 204 4.23 -11.38 -20.66
C VAL A 204 5.61 -11.60 -21.25
N GLY A 205 6.65 -11.45 -20.43
CA GLY A 205 8.00 -11.64 -20.91
C GLY A 205 8.30 -10.78 -22.12
N SER A 206 8.87 -11.39 -23.15
N SER A 206 8.88 -11.39 -23.15
CA SER A 206 9.18 -10.71 -24.40
CA SER A 206 9.18 -10.71 -24.40
C SER A 206 8.03 -10.69 -25.38
C SER A 206 8.03 -10.73 -25.39
N GLY A 207 6.82 -11.06 -24.94
CA GLY A 207 5.70 -11.15 -25.84
C GLY A 207 5.19 -9.79 -26.28
N THR A 208 4.35 -9.83 -27.31
CA THR A 208 3.75 -8.60 -27.79
C THR A 208 2.76 -8.07 -26.76
N PHE A 209 2.48 -6.78 -26.85
CA PHE A 209 1.61 -6.12 -25.91
C PHE A 209 0.16 -6.33 -26.32
N LYS A 210 -0.67 -6.69 -25.35
CA LYS A 210 -2.11 -6.84 -25.55
C LYS A 210 -2.79 -5.57 -25.06
N SER A 211 -3.38 -4.83 -26.00
CA SER A 211 -4.11 -3.61 -25.67
C SER A 211 -5.49 -3.98 -25.13
N THR A 212 -5.72 -3.67 -23.85
CA THR A 212 -6.98 -3.98 -23.20
C THR A 212 -7.07 -3.15 -21.93
N SER A 213 -8.25 -2.62 -21.65
CA SER A 213 -8.44 -1.76 -20.49
C SER A 213 -8.57 -2.61 -19.24
N ILE A 214 -7.78 -2.28 -18.21
CA ILE A 214 -7.81 -2.99 -16.93
C ILE A 214 -8.00 -1.94 -15.84
N ASP A 215 -9.23 -1.79 -15.35
CA ASP A 215 -9.50 -0.90 -14.24
C ASP A 215 -8.93 -1.51 -12.96
N GLY A 216 -8.25 -0.70 -12.16
CA GLY A 216 -7.74 -1.22 -10.91
C GLY A 216 -7.32 -0.09 -10.00
N ILE A 217 -6.82 -0.45 -8.83
CA ILE A 217 -6.42 0.54 -7.85
C ILE A 217 -4.92 0.45 -7.58
N ALA A 218 -4.30 1.59 -7.30
CA ALA A 218 -2.90 1.61 -6.89
C ALA A 218 -2.90 1.52 -5.37
N ASP A 219 -2.43 0.39 -4.84
CA ASP A 219 -2.61 0.05 -3.44
C ASP A 219 -1.28 -0.38 -2.81
N THR A 220 -0.61 0.55 -2.12
CA THR A 220 0.65 0.21 -1.46
C THR A 220 0.46 -0.76 -0.29
N GLY A 221 -0.75 -0.89 0.22
CA GLY A 221 -1.02 -1.79 1.32
C GLY A 221 -1.32 -3.22 0.91
N THR A 222 -1.35 -3.52 -0.38
CA THR A 222 -1.54 -4.89 -0.86
C THR A 222 -0.20 -5.40 -1.38
N THR A 223 0.15 -6.63 -0.98
CA THR A 223 1.48 -7.17 -1.30
C THR A 223 1.61 -7.47 -2.79
N LEU A 224 0.59 -8.09 -3.38
CA LEU A 224 0.70 -8.73 -4.69
C LEU A 224 -0.03 -7.93 -5.76
N LEU A 225 0.08 -8.41 -7.00
CA LEU A 225 -0.60 -7.86 -8.15
C LEU A 225 -1.78 -8.77 -8.48
N TYR A 226 -3.00 -8.24 -8.36
CA TYR A 226 -4.23 -9.00 -8.60
C TYR A 226 -4.88 -8.48 -9.87
N LEU A 227 -5.00 -9.35 -10.86
CA LEU A 227 -5.46 -8.99 -12.20
C LEU A 227 -6.50 -10.00 -12.65
N PRO A 228 -7.22 -9.70 -13.73
CA PRO A 228 -8.29 -10.62 -14.16
C PRO A 228 -7.75 -12.01 -14.47
N ALA A 229 -8.60 -13.01 -14.26
CA ALA A 229 -8.21 -14.40 -14.43
C ALA A 229 -7.62 -14.68 -15.82
N THR A 230 -8.14 -14.01 -16.85
CA THR A 230 -7.62 -14.21 -18.20
C THR A 230 -6.15 -13.79 -18.29
N VAL A 231 -5.84 -12.61 -17.74
CA VAL A 231 -4.48 -12.09 -17.78
C VAL A 231 -3.55 -12.98 -16.96
N VAL A 232 -3.99 -13.37 -15.77
N VAL A 232 -3.97 -13.38 -15.76
CA VAL A 232 -3.16 -14.15 -14.87
CA VAL A 232 -3.09 -14.15 -14.90
C VAL A 232 -2.88 -15.53 -15.47
C VAL A 232 -2.87 -15.55 -15.44
N SER A 233 -3.88 -16.13 -16.10
CA SER A 233 -3.68 -17.42 -16.75
C SER A 233 -2.68 -17.31 -17.88
N ALA A 234 -2.76 -16.23 -18.67
CA ALA A 234 -1.83 -16.05 -19.76
C ALA A 234 -0.40 -15.91 -19.25
N TYR A 235 -0.21 -15.28 -18.09
CA TYR A 235 1.12 -15.17 -17.50
C TYR A 235 1.63 -16.54 -17.07
N TRP A 236 0.87 -17.23 -16.20
CA TRP A 236 1.36 -18.46 -15.61
C TRP A 236 1.48 -19.60 -16.62
N ALA A 237 0.74 -19.54 -17.72
CA ALA A 237 0.89 -20.51 -18.79
C ALA A 237 2.30 -20.53 -19.36
N GLN A 238 3.08 -19.47 -19.15
CA GLN A 238 4.44 -19.41 -19.65
C GLN A 238 5.45 -20.03 -18.70
N VAL A 239 5.02 -20.52 -17.55
CA VAL A 239 5.92 -21.07 -16.53
C VAL A 239 5.62 -22.56 -16.41
N SER A 240 6.58 -23.39 -16.81
N SER A 240 6.57 -23.39 -16.81
CA SER A 240 6.37 -24.84 -16.77
CA SER A 240 6.35 -24.84 -16.79
C SER A 240 6.04 -25.30 -15.35
C SER A 240 6.06 -25.31 -15.37
N GLY A 241 4.94 -26.02 -15.23
CA GLY A 241 4.53 -26.56 -13.95
C GLY A 241 3.74 -25.62 -13.07
N ALA A 242 3.51 -24.38 -13.49
CA ALA A 242 2.72 -23.47 -12.66
C ALA A 242 1.25 -23.88 -12.72
N LYS A 243 0.57 -23.71 -11.59
CA LYS A 243 -0.81 -24.13 -11.48
C LYS A 243 -1.47 -23.33 -10.37
N SER A 244 -2.79 -23.22 -10.45
CA SER A 244 -3.56 -22.64 -9.36
C SER A 244 -3.91 -23.75 -8.37
N SER A 245 -3.57 -23.53 -7.11
CA SER A 245 -3.77 -24.50 -6.05
C SER A 245 -4.87 -24.00 -5.11
N SER A 246 -5.96 -24.76 -5.02
CA SER A 246 -7.01 -24.40 -4.08
C SER A 246 -6.55 -24.56 -2.63
N SER A 247 -5.68 -25.54 -2.36
CA SER A 247 -5.18 -25.71 -1.00
C SER A 247 -4.27 -24.55 -0.59
N VAL A 248 -3.47 -24.04 -1.52
CA VAL A 248 -2.59 -22.93 -1.19
C VAL A 248 -3.32 -21.59 -1.28
N GLY A 249 -4.30 -21.48 -2.17
CA GLY A 249 -5.03 -20.25 -2.35
C GLY A 249 -4.55 -19.37 -3.48
N GLY A 250 -3.91 -19.94 -4.50
CA GLY A 250 -3.54 -19.16 -5.65
C GLY A 250 -2.52 -19.91 -6.49
N TYR A 251 -1.95 -19.18 -7.44
CA TYR A 251 -0.95 -19.76 -8.32
C TYR A 251 0.35 -20.02 -7.59
N VAL A 252 0.87 -21.23 -7.79
CA VAL A 252 2.19 -21.63 -7.35
C VAL A 252 2.96 -22.10 -8.57
N PHE A 253 4.28 -22.16 -8.42
CA PHE A 253 5.13 -22.54 -9.53
C PHE A 253 6.35 -23.25 -8.97
N PRO A 254 7.02 -24.09 -9.77
CA PRO A 254 8.20 -24.77 -9.26
C PRO A 254 9.29 -23.78 -8.90
N CYS A 255 9.88 -23.96 -7.71
CA CYS A 255 10.94 -23.06 -7.31
C CYS A 255 12.17 -23.17 -8.20
N SER A 256 12.24 -24.18 -9.06
CA SER A 256 13.32 -24.30 -10.03
C SER A 256 13.14 -23.39 -11.24
N ALA A 257 12.01 -22.70 -11.35
CA ALA A 257 11.71 -21.90 -12.53
C ALA A 257 12.37 -20.53 -12.46
N THR A 258 12.66 -19.99 -13.65
CA THR A 258 12.99 -18.58 -13.82
C THR A 258 11.74 -17.91 -14.40
N LEU A 259 11.24 -16.86 -13.71
CA LEU A 259 9.96 -16.29 -14.11
C LEU A 259 10.13 -15.24 -15.20
N PRO A 260 9.18 -15.16 -16.12
CA PRO A 260 9.18 -14.06 -17.09
C PRO A 260 8.76 -12.75 -16.42
N SER A 261 9.18 -11.66 -17.04
CA SER A 261 8.70 -10.35 -16.60
C SER A 261 7.23 -10.19 -16.95
N PHE A 262 6.64 -9.13 -16.39
CA PHE A 262 5.28 -8.76 -16.71
C PHE A 262 5.24 -7.25 -16.91
N THR A 263 4.69 -6.82 -18.04
CA THR A 263 4.60 -5.41 -18.38
C THR A 263 3.15 -4.96 -18.26
N PHE A 264 2.92 -3.80 -17.65
CA PHE A 264 1.60 -3.18 -17.69
C PHE A 264 1.66 -1.82 -18.34
N GLY A 265 0.56 -1.47 -19.00
CA GLY A 265 0.49 -0.21 -19.72
C GLY A 265 -0.03 0.92 -18.84
N VAL A 266 0.58 2.10 -18.99
CA VAL A 266 0.10 3.33 -18.40
C VAL A 266 0.02 4.31 -19.56
N GLY A 267 -1.20 4.57 -20.05
CA GLY A 267 -1.31 5.31 -21.29
C GLY A 267 -0.49 4.61 -22.36
N SER A 268 0.31 5.38 -23.08
N SER A 268 0.32 5.38 -23.08
CA SER A 268 1.20 4.81 -24.09
CA SER A 268 1.21 4.83 -24.09
C SER A 268 2.54 4.35 -23.51
C SER A 268 2.53 4.35 -23.52
N ALA A 269 2.75 4.49 -22.21
CA ALA A 269 3.98 4.08 -21.57
C ALA A 269 3.84 2.66 -21.02
N ARG A 270 4.96 2.10 -20.58
CA ARG A 270 5.02 0.73 -20.12
C ARG A 270 5.86 0.66 -18.86
N ILE A 271 5.39 -0.09 -17.87
CA ILE A 271 6.17 -0.43 -16.69
C ILE A 271 6.44 -1.93 -16.73
N VAL A 272 7.71 -2.29 -16.61
CA VAL A 272 8.15 -3.68 -16.68
C VAL A 272 8.46 -4.17 -15.27
N ILE A 273 7.74 -5.19 -14.82
CA ILE A 273 7.99 -5.84 -13.54
C ILE A 273 8.96 -7.00 -13.80
N PRO A 274 10.18 -6.97 -13.29
CA PRO A 274 11.09 -8.11 -13.52
C PRO A 274 10.51 -9.39 -12.93
N GLY A 275 10.85 -10.51 -13.57
CA GLY A 275 10.36 -11.80 -13.12
C GLY A 275 10.66 -12.06 -11.66
N ASP A 276 11.85 -11.62 -11.18
CA ASP A 276 12.21 -11.88 -9.79
C ASP A 276 11.23 -11.24 -8.82
N TYR A 277 10.60 -10.12 -9.20
CA TYR A 277 9.65 -9.45 -8.33
C TYR A 277 8.39 -10.28 -8.14
N ILE A 278 8.15 -11.25 -9.02
CA ILE A 278 6.96 -12.09 -8.98
C ILE A 278 7.19 -13.37 -8.18
N ASP A 279 8.41 -13.59 -7.70
CA ASP A 279 8.75 -14.78 -6.94
C ASP A 279 8.61 -14.46 -5.45
N PHE A 280 7.64 -15.08 -4.79
CA PHE A 280 7.47 -14.95 -3.35
C PHE A 280 7.98 -16.15 -2.57
N GLY A 281 8.77 -17.00 -3.20
CA GLY A 281 9.51 -18.02 -2.50
C GLY A 281 8.65 -19.19 -2.07
N PRO A 282 9.28 -20.14 -1.37
CA PRO A 282 8.59 -21.37 -0.99
C PRO A 282 7.34 -21.10 -0.17
N ILE A 283 6.28 -21.89 -0.45
CA ILE A 283 5.00 -21.70 0.25
C ILE A 283 5.15 -21.97 1.75
N SER A 284 6.09 -22.83 2.11
CA SER A 284 6.48 -23.11 3.49
C SER A 284 7.97 -23.41 3.45
N THR A 285 8.64 -23.26 4.59
CA THR A 285 10.08 -23.49 4.63
C THR A 285 10.44 -24.86 4.07
N GLY A 286 11.41 -24.87 3.14
CA GLY A 286 11.87 -26.08 2.52
C GLY A 286 11.06 -26.56 1.35
N SER A 287 9.93 -25.94 1.05
CA SER A 287 9.10 -26.42 -0.05
C SER A 287 9.74 -26.07 -1.39
N SER A 288 9.54 -26.94 -2.36
CA SER A 288 9.94 -26.64 -3.73
C SER A 288 8.81 -26.03 -4.55
N SER A 289 7.67 -25.74 -3.93
CA SER A 289 6.61 -24.99 -4.58
C SER A 289 6.69 -23.56 -4.09
N CYS A 290 6.72 -22.62 -5.03
CA CYS A 290 6.90 -21.22 -4.73
C CYS A 290 5.60 -20.46 -5.02
N PHE A 291 5.35 -19.41 -4.26
CA PHE A 291 4.10 -18.66 -4.41
C PHE A 291 4.26 -17.54 -5.42
N GLY A 292 3.28 -17.39 -6.31
CA GLY A 292 3.35 -16.37 -7.33
C GLY A 292 2.94 -14.99 -6.85
N GLY A 293 3.59 -13.98 -7.41
CA GLY A 293 3.28 -12.59 -7.07
C GLY A 293 2.21 -11.96 -7.93
N ILE A 294 1.75 -12.67 -8.94
CA ILE A 294 0.61 -12.26 -9.75
C ILE A 294 -0.49 -13.28 -9.50
N GLN A 295 -1.65 -12.79 -9.08
CA GLN A 295 -2.75 -13.66 -8.68
C GLN A 295 -4.03 -13.12 -9.27
N SER A 296 -5.04 -13.98 -9.35
CA SER A 296 -6.31 -13.58 -9.91
C SER A 296 -7.09 -12.67 -8.94
N SER A 297 -7.71 -11.65 -9.51
CA SER A 297 -8.63 -10.80 -8.75
C SER A 297 -10.05 -11.34 -8.71
N ALA A 298 -10.31 -12.49 -9.33
CA ALA A 298 -11.67 -13.00 -9.36
C ALA A 298 -12.13 -13.29 -7.93
N GLY A 299 -13.29 -12.78 -7.58
CA GLY A 299 -13.75 -12.92 -6.21
C GLY A 299 -13.27 -11.85 -5.25
N ILE A 300 -12.26 -11.05 -5.63
CA ILE A 300 -12.01 -9.82 -4.89
C ILE A 300 -12.96 -8.73 -5.35
N GLY A 301 -13.31 -8.72 -6.62
CA GLY A 301 -14.20 -7.72 -7.17
C GLY A 301 -13.51 -6.49 -7.70
N ILE A 302 -12.19 -6.42 -7.59
CA ILE A 302 -11.42 -5.26 -8.03
C ILE A 302 -10.01 -5.72 -8.37
N ASN A 303 -9.42 -5.15 -9.41
CA ASN A 303 -8.03 -5.40 -9.71
C ASN A 303 -7.17 -4.51 -8.84
N ILE A 304 -6.05 -5.04 -8.36
CA ILE A 304 -5.22 -4.32 -7.40
C ILE A 304 -3.78 -4.31 -7.88
N PHE A 305 -3.28 -3.12 -8.20
CA PHE A 305 -1.87 -2.92 -8.47
C PHE A 305 -1.19 -2.70 -7.12
N GLY A 306 -0.84 -3.81 -6.47
CA GLY A 306 -0.19 -3.79 -5.18
C GLY A 306 1.32 -3.65 -5.33
N ASP A 307 2.02 -4.01 -4.26
CA ASP A 307 3.44 -3.70 -4.19
C ASP A 307 4.24 -4.34 -5.32
N VAL A 308 3.88 -5.56 -5.74
CA VAL A 308 4.59 -6.22 -6.84
C VAL A 308 4.69 -5.30 -8.05
N ALA A 309 3.58 -4.62 -8.37
CA ALA A 309 3.58 -3.70 -9.50
C ALA A 309 4.19 -2.36 -9.12
N LEU A 310 3.79 -1.81 -7.97
CA LEU A 310 4.21 -0.45 -7.64
C LEU A 310 5.71 -0.35 -7.41
N LYS A 311 6.34 -1.41 -6.88
CA LYS A 311 7.76 -1.32 -6.60
C LYS A 311 8.60 -1.33 -7.87
N ALA A 312 8.02 -1.67 -9.02
CA ALA A 312 8.72 -1.54 -10.28
C ALA A 312 8.69 -0.11 -10.83
N ALA A 313 8.06 0.82 -10.13
CA ALA A 313 7.87 2.15 -10.66
C ALA A 313 8.09 3.21 -9.60
N PHE A 314 8.30 4.43 -10.06
CA PHE A 314 8.15 5.63 -9.24
C PHE A 314 6.73 6.11 -9.46
N VAL A 315 5.95 6.23 -8.40
CA VAL A 315 4.51 6.43 -8.51
C VAL A 315 4.13 7.75 -7.85
N VAL A 316 3.46 8.62 -8.60
CA VAL A 316 2.98 9.90 -8.11
C VAL A 316 1.48 9.78 -7.84
N PHE A 317 1.09 10.11 -6.62
CA PHE A 317 -0.31 10.20 -6.22
C PHE A 317 -0.62 11.69 -6.16
N ASN A 318 -1.21 12.21 -7.24
CA ASN A 318 -1.50 13.62 -7.37
C ASN A 318 -2.90 13.90 -6.85
N GLY A 319 -2.98 14.59 -5.71
CA GLY A 319 -4.24 14.87 -5.07
C GLY A 319 -4.78 16.25 -5.35
N ALA A 320 -4.41 16.82 -6.51
CA ALA A 320 -5.00 18.06 -6.97
C ALA A 320 -6.51 17.88 -7.18
N THR A 321 -7.18 19.00 -7.45
CA THR A 321 -8.64 19.01 -7.61
C THR A 321 -9.10 17.95 -8.60
N THR A 322 -8.35 17.77 -9.69
CA THR A 322 -8.56 16.63 -10.57
C THR A 322 -7.42 15.66 -10.30
N PRO A 323 -7.65 14.58 -9.56
CA PRO A 323 -6.54 13.70 -9.18
C PRO A 323 -6.06 12.88 -10.34
N THR A 324 -4.76 12.58 -10.33
CA THR A 324 -4.16 11.70 -11.32
C THR A 324 -3.11 10.83 -10.63
N LEU A 325 -2.69 9.81 -11.37
CA LEU A 325 -1.60 8.93 -10.95
C LEU A 325 -0.52 9.02 -12.00
N GLY A 326 0.71 9.13 -11.57
CA GLY A 326 1.86 9.13 -12.48
C GLY A 326 2.72 7.92 -12.23
N PHE A 327 3.20 7.31 -13.31
CA PHE A 327 4.12 6.18 -13.24
C PHE A 327 5.34 6.49 -14.08
N ALA A 328 6.53 6.28 -13.50
CA ALA A 328 7.77 6.32 -14.25
C ALA A 328 8.57 5.05 -13.95
N SER A 329 9.36 4.64 -14.94
N SER A 329 9.36 4.63 -14.93
CA SER A 329 10.35 3.60 -14.70
CA SER A 329 10.35 3.60 -14.69
C SER A 329 11.47 4.15 -13.82
C SER A 329 11.45 4.14 -13.80
N LYS A 330 12.24 3.23 -13.24
CA LYS A 330 13.32 3.64 -12.34
C LYS A 330 14.43 2.62 -12.31
C01 IIZ B . -11.93 -8.61 -0.65
C02 IIZ B . -12.42 -7.60 -1.11
C03 IIZ B . -13.02 -6.29 -1.66
C05 IIZ B . -12.43 -4.66 0.05
C06 IIZ B . -10.80 -5.50 -1.48
C07 IIZ B . -9.86 -4.35 -1.10
C09 IIZ B . -8.30 -3.23 0.14
C10 IIZ B . -7.31 -3.09 1.45
C12 IIZ B . -6.78 -1.88 1.54
C14 IIZ B . -4.85 -3.25 1.44
C15 IIZ B . -4.20 -3.47 2.82
C17 IIZ B . -3.45 -4.33 4.66
C18 IIZ B . -3.12 -5.21 5.67
C19 IIZ B . -1.90 -5.03 6.34
C20 IIZ B . -1.53 -5.92 7.36
C21 IIZ B . -2.37 -6.97 7.70
C23 IIZ B . -3.59 -7.15 7.03
C24 IIZ B . -3.97 -6.27 6.01
C27 IIZ B . -6.14 -4.11 1.28
C28 IIZ B . -8.39 -2.24 -0.83
F22 IIZ B . -2.00 -7.83 8.71
N04 IIZ B . -12.17 -5.12 -1.36
N08 IIZ B . -9.07 -4.30 -0.02
N13 IIZ B . -5.17 -2.01 1.18
N16 IIZ B . -4.10 -4.59 3.54
N25 IIZ B . -3.10 -3.05 4.65
O11 IIZ B . -8.06 -3.46 2.66
O26 IIZ B . -3.57 -2.51 3.50
S29 IIZ B . -9.57 -2.89 -1.96
S DMS C . -1.78 -8.31 2.07
O DMS C . -1.92 -7.89 0.64
C1 DMS C . -3.38 -8.19 2.90
C2 DMS C . -0.90 -7.00 2.94
C07 IIZ D . 2.04 -15.41 0.45
C09 IIZ D . 0.90 -13.42 0.59
C10 IIZ D . -0.45 -12.51 0.87
C12 IIZ D . -0.61 -12.33 2.15
C14 IIZ D . -2.78 -13.08 1.50
C15 IIZ D . -4.05 -12.47 0.88
C17 IIZ D . -5.45 -11.05 0.10
C18 IIZ D . -6.02 -9.84 -0.29
C19 IIZ D . -5.25 -8.68 -0.32
C20 IIZ D . -5.83 -7.47 -0.70
C21 IIZ D . -7.17 -7.43 -1.04
C23 IIZ D . -7.95 -8.60 -1.02
C24 IIZ D . -7.37 -9.80 -0.63
C27 IIZ D . -1.71 -13.27 0.37
C28 IIZ D . 2.12 -12.84 0.28
F22 IIZ D . -7.75 -6.25 -1.41
N08 IIZ D . 0.88 -14.75 0.68
N13 IIZ D . -2.23 -12.32 2.42
N16 IIZ D . -4.26 -11.19 0.63
N25 IIZ D . -6.01 -12.24 -0.01
O11 IIZ D . -0.32 -11.20 0.18
O26 IIZ D . -5.14 -13.15 0.48
S29 IIZ D . 3.21 -14.21 0.09
C ACT E . 12.80 -19.21 -4.91
O ACT E . 12.29 -18.21 -4.33
OXT ACT E . 12.87 -19.46 -6.15
CH3 ACT E . 13.42 -20.30 -3.99
S DMS F . 7.49 5.09 23.04
O DMS F . 8.21 6.35 22.66
C1 DMS F . 8.53 3.67 22.61
C2 DMS F . 6.12 4.83 21.89
C ACT G . 5.15 -28.75 -2.15
O ACT G . 5.55 -28.62 -0.97
OXT ACT G . 5.84 -28.82 -3.22
CH3 ACT G . 3.58 -28.83 -2.36
C1 PEG H . 9.00 -20.04 3.36
O1 PEG H . 8.18 -19.40 4.34
C2 PEG H . 10.46 -19.97 3.71
O2 PEG H . 11.23 -20.05 2.52
C3 PEG H . 12.58 -20.41 2.74
C4 PEG H . 12.68 -21.87 3.07
O4 PEG H . 13.05 -22.67 1.96
C ACT I . 0.55 -9.17 6.11
O ACT I . 1.31 -8.17 5.91
OXT ACT I . 0.14 -9.65 7.21
CH3 ACT I . 0.04 -9.93 4.85
#